data_5UZ8
#
_entry.id   5UZ8
#
_cell.length_a   89.537
_cell.length_b   57.208
_cell.length_c   114.667
_cell.angle_alpha   90.00
_cell.angle_beta   112.55
_cell.angle_gamma   90.00
#
_symmetry.space_group_name_H-M   'C 1 2 1'
#
loop_
_entity.id
_entity.type
_entity.pdbx_description
1 polymer Cadherin-23
2 non-polymer 'CHLORIDE ION'
3 non-polymer 'CALCIUM ION'
4 non-polymer GLUTATHIONE
5 water water
#
_entity_poly.entity_id   1
_entity_poly.type   'polypeptide(L)'
_entity_poly.pdbx_seq_one_letter_code
;MDNTPQFKPFGITYYTERVLEGATPGTTLIAVAAVDPDKGLNGLITYTLLDLTPPGYVQLEDSSAGKVIANRTVDYEEVH
WLNFTVRASDNGSPPRAAEIPVYLEIVDINDNNPIFDQPSYQEAVFEDIAVGTVILRVTATDADSGNFALIEYSLVDGEG
KFAINPNTGDISVLSSLDREKKDHYILTALAKDNPGDVASNRRENSVQVVIRVLDVNDCRPQFSKPQFSTSVYENEPAGT
SVITMLATDQDEGSNSQLTYSLEGPGMEAFSVDMDSGLVTTQRPLQSYERFNLTVVATDGGEPPLWGTTMLLVEVIDVND
NKLAAALEHHHHHH
;
_entity_poly.pdbx_strand_id   A
#
loop_
_chem_comp.id
_chem_comp.type
_chem_comp.name
_chem_comp.formula
CA non-polymer 'CALCIUM ION' 'Ca 2'
CL non-polymer 'CHLORIDE ION' 'Cl -1'
GSH non-polymer GLUTATHIONE 'C10 H17 N3 O6 S'
#
# COMPACT_ATOMS: atom_id res chain seq x y z
N ASP A 2 -62.04 37.13 -2.69
CA ASP A 2 -60.92 37.90 -3.34
C ASP A 2 -59.61 37.93 -2.52
N ASN A 3 -59.36 36.85 -1.78
CA ASN A 3 -58.11 36.71 -1.01
C ASN A 3 -57.13 35.81 -1.80
N THR A 4 -55.87 36.24 -1.89
CA THR A 4 -54.80 35.44 -2.48
C THR A 4 -54.31 34.38 -1.49
N PRO A 5 -53.97 33.16 -1.97
CA PRO A 5 -53.41 32.20 -1.04
C PRO A 5 -52.16 32.73 -0.32
N GLN A 6 -52.03 32.37 0.95
CA GLN A 6 -50.86 32.72 1.72
C GLN A 6 -50.18 31.48 2.24
N PHE A 7 -48.86 31.44 2.13
CA PHE A 7 -48.09 30.33 2.67
C PHE A 7 -48.03 30.44 4.19
N LYS A 8 -47.94 29.27 4.81
CA LYS A 8 -47.89 29.12 6.23
C LYS A 8 -46.51 28.62 6.66
N PRO A 9 -46.00 29.08 7.80
CA PRO A 9 -46.62 30.08 8.65
C PRO A 9 -46.69 31.47 8.00
N PHE A 10 -47.63 32.28 8.45
CA PHE A 10 -47.90 33.52 7.77
C PHE A 10 -46.62 34.40 7.77
N GLY A 11 -46.29 34.95 6.62
CA GLY A 11 -45.06 35.77 6.47
C GLY A 11 -43.77 35.02 6.20
N ILE A 12 -43.84 33.72 5.93
CA ILE A 12 -42.66 32.93 5.70
C ILE A 12 -41.98 33.38 4.39
N THR A 13 -40.67 33.63 4.43
CA THR A 13 -39.97 34.19 3.29
CA THR A 13 -39.97 34.19 3.29
C THR A 13 -39.58 33.13 2.27
N TYR A 14 -39.13 31.98 2.78
CA TYR A 14 -38.78 30.80 1.99
C TYR A 14 -38.83 29.58 2.91
N TYR A 15 -38.92 28.40 2.30
CA TYR A 15 -38.83 27.14 3.04
C TYR A 15 -37.46 26.48 2.87
N THR A 16 -37.01 25.76 3.90
CA THR A 16 -35.83 24.96 3.76
C THR A 16 -35.94 23.67 4.59
N GLU A 17 -35.23 22.64 4.12
CA GLU A 17 -35.19 21.38 4.83
C GLU A 17 -33.88 20.69 4.39
N ARG A 18 -33.28 19.93 5.30
CA ARG A 18 -32.19 19.04 4.98
C ARG A 18 -32.69 17.72 4.41
N VAL A 19 -31.95 17.17 3.45
CA VAL A 19 -32.29 15.90 2.83
C VAL A 19 -31.02 15.08 2.75
N LEU A 20 -31.06 13.86 3.24
CA LEU A 20 -29.89 12.97 3.08
C LEU A 20 -29.77 12.53 1.64
N GLU A 21 -28.58 12.66 1.08
CA GLU A 21 -28.36 12.06 -0.23
C GLU A 21 -28.75 10.58 -0.21
N GLY A 22 -29.27 10.09 -1.32
CA GLY A 22 -29.70 8.72 -1.43
C GLY A 22 -31.11 8.43 -0.99
N ALA A 23 -31.84 9.45 -0.51
CA ALA A 23 -33.23 9.30 -0.13
C ALA A 23 -33.97 8.63 -1.30
N THR A 24 -34.66 7.55 -0.99
CA THR A 24 -35.27 6.75 -2.07
C THR A 24 -36.48 7.46 -2.70
N PRO A 25 -36.76 7.17 -3.98
CA PRO A 25 -37.93 7.79 -4.59
C PRO A 25 -39.20 7.57 -3.77
N GLY A 26 -40.03 8.59 -3.70
CA GLY A 26 -41.24 8.54 -2.85
C GLY A 26 -41.06 9.08 -1.44
N THR A 27 -39.83 9.25 -0.99
CA THR A 27 -39.52 9.77 0.33
C THR A 27 -39.97 11.22 0.42
N THR A 28 -40.64 11.56 1.52
CA THR A 28 -41.10 12.92 1.74
C THR A 28 -39.89 13.79 2.04
N LEU A 29 -39.74 14.85 1.26
CA LEU A 29 -38.61 15.75 1.41
C LEU A 29 -38.99 17.01 2.20
N ILE A 30 -40.17 17.53 1.95
CA ILE A 30 -40.67 18.70 2.65
C ILE A 30 -42.16 18.75 2.43
N ALA A 31 -42.90 19.31 3.38
CA ALA A 31 -44.31 19.55 3.19
C ALA A 31 -44.62 20.98 3.50
N VAL A 32 -45.22 21.66 2.53
CA VAL A 32 -45.59 23.06 2.68
C VAL A 32 -47.10 23.18 2.54
N ALA A 33 -47.64 24.32 2.94
CA ALA A 33 -49.07 24.52 2.91
C ALA A 33 -49.36 26.01 2.75
N ALA A 34 -50.39 26.30 1.98
CA ALA A 34 -50.95 27.62 1.89
C ALA A 34 -52.41 27.56 2.28
N VAL A 35 -52.97 28.70 2.62
CA VAL A 35 -54.38 28.80 2.97
C VAL A 35 -55.02 29.92 2.17
N ASP A 36 -56.31 29.76 1.92
CA ASP A 36 -57.10 30.77 1.26
C ASP A 36 -58.41 30.75 1.99
N PRO A 37 -58.79 31.86 2.63
CA PRO A 37 -60.06 31.85 3.40
C PRO A 37 -61.37 31.65 2.58
N ASP A 38 -61.34 31.95 1.28
CA ASP A 38 -62.55 32.05 0.44
C ASP A 38 -63.29 30.72 0.22
N LYS A 39 -64.52 30.82 -0.27
CA LYS A 39 -65.41 29.66 -0.45
C LYS A 39 -65.23 29.00 -1.81
N GLY A 40 -65.36 27.67 -1.84
CA GLY A 40 -65.43 26.90 -3.10
C GLY A 40 -64.19 26.99 -3.97
N LEU A 41 -64.40 27.14 -5.28
CA LEU A 41 -63.30 27.29 -6.24
C LEU A 41 -62.41 28.50 -5.96
N ASN A 42 -63.00 29.56 -5.39
CA ASN A 42 -62.23 30.75 -4.97
C ASN A 42 -61.23 30.46 -3.83
N GLY A 43 -61.49 29.45 -3.01
CA GLY A 43 -60.58 29.05 -1.94
C GLY A 43 -60.01 27.65 -2.05
N LEU A 44 -60.18 27.01 -3.21
CA LEU A 44 -59.61 25.67 -3.48
C LEU A 44 -58.19 25.80 -4.04
N ILE A 45 -57.19 25.32 -3.29
CA ILE A 45 -55.81 25.57 -3.66
C ILE A 45 -55.23 24.41 -4.43
N THR A 46 -54.59 24.73 -5.56
CA THR A 46 -53.81 23.81 -6.39
C THR A 46 -52.32 24.15 -6.26
N TYR A 47 -51.50 23.14 -6.00
CA TYR A 47 -50.05 23.33 -5.88
C TYR A 47 -49.39 22.81 -7.14
N THR A 48 -48.47 23.62 -7.66
CA THR A 48 -47.54 23.18 -8.70
C THR A 48 -46.12 23.59 -8.30
N LEU A 49 -45.12 22.92 -8.93
CA LEU A 49 -43.72 23.26 -8.77
C LEU A 49 -43.17 23.89 -10.04
N LEU A 50 -42.31 24.91 -9.88
CA LEU A 50 -41.67 25.64 -10.97
C LEU A 50 -40.18 25.76 -10.79
N ASP A 51 -39.47 25.91 -11.91
CA ASP A 51 -38.06 26.29 -11.89
C ASP A 51 -37.22 25.34 -11.05
N LEU A 52 -37.36 24.05 -11.33
CA LEU A 52 -36.57 23.04 -10.60
C LEU A 52 -35.12 23.17 -11.00
N THR A 53 -34.28 23.46 -10.00
CA THR A 53 -32.87 23.80 -10.22
C THR A 53 -31.97 23.05 -9.25
N PRO A 54 -31.35 21.92 -9.66
CA PRO A 54 -31.51 21.25 -10.97
C PRO A 54 -32.79 20.43 -11.10
N PRO A 55 -33.17 20.01 -12.34
CA PRO A 55 -34.41 19.28 -12.48
C PRO A 55 -34.28 17.79 -12.21
N GLY A 56 -35.42 17.15 -12.01
CA GLY A 56 -35.48 15.70 -11.97
C GLY A 56 -35.56 15.02 -10.62
N TYR A 57 -35.39 15.77 -9.53
CA TYR A 57 -35.22 15.18 -8.21
C TYR A 57 -36.39 15.28 -7.26
N VAL A 58 -37.39 16.12 -7.58
CA VAL A 58 -38.51 16.37 -6.71
C VAL A 58 -39.82 16.47 -7.48
N GLN A 59 -40.91 16.13 -6.81
CA GLN A 59 -42.23 16.31 -7.37
C GLN A 59 -43.25 16.38 -6.24
N LEU A 60 -44.39 16.99 -6.53
CA LEU A 60 -45.49 16.99 -5.55
C LEU A 60 -46.05 15.58 -5.58
N GLU A 61 -46.41 15.02 -4.43
CA GLU A 61 -47.17 13.76 -4.43
C GLU A 61 -48.45 13.89 -5.26
N ASP A 62 -49.20 14.97 -4.99
CA ASP A 62 -50.43 15.31 -5.69
CA ASP A 62 -50.27 15.36 -5.90
C ASP A 62 -50.62 16.82 -5.73
N SER A 63 -51.37 17.33 -6.71
CA SER A 63 -51.59 18.78 -6.79
C SER A 63 -52.54 19.35 -5.70
N SER A 64 -53.21 18.48 -4.94
CA SER A 64 -54.13 18.94 -3.90
C SER A 64 -53.44 19.30 -2.58
N ALA A 65 -52.14 19.00 -2.46
CA ALA A 65 -51.39 19.29 -1.24
C ALA A 65 -49.97 19.68 -1.55
N GLY A 66 -49.25 20.20 -0.54
CA GLY A 66 -47.89 20.65 -0.72
C GLY A 66 -46.85 19.65 -0.24
N LYS A 67 -47.13 18.36 -0.34
CA LYS A 67 -46.16 17.36 0.03
C LYS A 67 -45.21 17.07 -1.13
N VAL A 68 -43.91 17.32 -0.94
CA VAL A 68 -42.91 17.16 -1.98
C VAL A 68 -42.12 15.90 -1.64
N ILE A 69 -42.05 15.01 -2.62
CA ILE A 69 -41.36 13.73 -2.48
C ILE A 69 -40.21 13.62 -3.49
N ALA A 70 -39.29 12.71 -3.19
CA ALA A 70 -38.19 12.39 -4.08
C ALA A 70 -38.66 11.73 -5.39
N ASN A 71 -38.12 12.21 -6.50
CA ASN A 71 -38.23 11.62 -7.81
C ASN A 71 -36.95 10.81 -8.05
N ARG A 72 -35.99 11.31 -8.84
N ARG A 72 -36.00 11.32 -8.84
CA ARG A 72 -34.71 10.62 -8.96
CA ARG A 72 -34.70 10.65 -8.90
C ARG A 72 -33.88 10.85 -7.69
C ARG A 72 -34.01 10.81 -7.55
N THR A 73 -33.21 9.82 -7.19
CA THR A 73 -32.37 9.96 -6.00
CA THR A 73 -32.36 9.90 -6.03
C THR A 73 -31.23 10.92 -6.26
N VAL A 74 -30.93 11.73 -5.26
CA VAL A 74 -29.91 12.76 -5.35
C VAL A 74 -28.59 12.25 -4.76
N ASP A 75 -27.51 12.71 -5.37
CA ASP A 75 -26.15 12.36 -5.02
C ASP A 75 -25.42 13.64 -4.55
N TYR A 76 -24.99 13.69 -3.30
CA TYR A 76 -24.27 14.84 -2.76
C TYR A 76 -23.02 15.11 -3.58
N GLU A 77 -22.40 14.06 -4.10
CA GLU A 77 -21.21 14.24 -4.91
C GLU A 77 -21.49 14.94 -6.26
N GLU A 78 -22.78 15.10 -6.63
CA GLU A 78 -23.19 15.83 -7.85
CA GLU A 78 -23.17 15.85 -7.84
C GLU A 78 -23.96 17.11 -7.53
N VAL A 79 -24.76 17.09 -6.47
CA VAL A 79 -25.70 18.17 -6.16
C VAL A 79 -25.69 18.49 -4.67
N HIS A 80 -25.48 19.78 -4.34
CA HIS A 80 -25.54 20.23 -2.94
C HIS A 80 -26.88 20.86 -2.53
N TRP A 81 -27.63 21.40 -3.50
CA TRP A 81 -28.90 22.07 -3.22
C TRP A 81 -29.95 21.68 -4.28
N LEU A 82 -31.14 21.32 -3.84
CA LEU A 82 -32.28 21.19 -4.75
C LEU A 82 -33.18 22.39 -4.50
N ASN A 83 -33.18 23.34 -5.42
CA ASN A 83 -34.00 24.54 -5.29
C ASN A 83 -35.16 24.51 -6.28
N PHE A 84 -36.30 25.07 -5.86
CA PHE A 84 -37.46 25.18 -6.70
C PHE A 84 -38.44 26.16 -6.09
N THR A 85 -39.50 26.41 -6.83
CA THR A 85 -40.55 27.31 -6.44
C THR A 85 -41.83 26.50 -6.30
N VAL A 86 -42.59 26.78 -5.24
CA VAL A 86 -43.93 26.24 -5.10
C VAL A 86 -44.93 27.35 -5.43
N ARG A 87 -45.87 27.06 -6.32
CA ARG A 87 -46.96 27.96 -6.65
C ARG A 87 -48.23 27.39 -6.05
N ALA A 88 -48.95 28.21 -5.28
CA ALA A 88 -50.22 27.85 -4.68
C ALA A 88 -51.27 28.78 -5.33
N SER A 89 -52.19 28.21 -6.10
CA SER A 89 -53.16 28.99 -6.88
C SER A 89 -54.56 28.61 -6.41
N ASP A 90 -55.44 29.59 -6.25
CA ASP A 90 -56.83 29.25 -6.03
C ASP A 90 -57.40 28.95 -7.40
N ASN A 91 -58.64 28.48 -7.43
CA ASN A 91 -59.22 28.10 -8.71
C ASN A 91 -60.33 29.07 -9.11
N GLY A 92 -60.18 30.34 -8.69
CA GLY A 92 -61.15 31.38 -9.01
C GLY A 92 -61.04 31.86 -10.44
N SER A 93 -61.92 32.79 -10.78
CA SER A 93 -62.27 33.08 -12.18
C SER A 93 -61.14 33.73 -12.97
N PRO A 94 -60.62 34.88 -12.48
CA PRO A 94 -59.17 35.04 -12.68
C PRO A 94 -58.53 34.45 -11.43
N PRO A 95 -57.70 33.40 -11.58
CA PRO A 95 -57.14 32.81 -10.37
C PRO A 95 -56.14 33.74 -9.68
N ARG A 96 -56.05 33.64 -8.36
CA ARG A 96 -55.02 34.33 -7.61
C ARG A 96 -54.07 33.28 -7.08
N ALA A 97 -52.79 33.62 -7.05
CA ALA A 97 -51.77 32.68 -6.69
C ALA A 97 -50.65 33.37 -5.95
N ALA A 98 -49.89 32.57 -5.21
CA ALA A 98 -48.67 33.03 -4.61
C ALA A 98 -47.58 32.00 -4.92
N GLU A 99 -46.34 32.46 -4.87
CA GLU A 99 -45.18 31.65 -5.12
C GLU A 99 -44.14 31.87 -4.06
N ILE A 100 -43.37 30.83 -3.77
CA ILE A 100 -42.35 30.93 -2.76
C ILE A 100 -41.18 30.01 -3.10
N PRO A 101 -39.95 30.41 -2.73
CA PRO A 101 -38.83 29.49 -2.96
C PRO A 101 -38.69 28.43 -1.91
N VAL A 102 -38.16 27.30 -2.35
CA VAL A 102 -37.76 26.21 -1.48
C VAL A 102 -36.29 25.89 -1.72
N TYR A 103 -35.56 25.70 -0.63
CA TYR A 103 -34.14 25.36 -0.70
C TYR A 103 -33.91 24.07 0.11
N LEU A 104 -33.69 22.95 -0.60
CA LEU A 104 -33.39 21.70 0.08
C LEU A 104 -31.89 21.49 0.14
N GLU A 105 -31.40 21.39 1.37
CA GLU A 105 -29.96 21.30 1.67
C GLU A 105 -29.57 19.83 1.66
N ILE A 106 -28.81 19.42 0.67
CA ILE A 106 -28.43 18.01 0.59
C ILE A 106 -27.31 17.73 1.60
N VAL A 107 -27.43 16.59 2.30
CA VAL A 107 -26.50 16.21 3.37
C VAL A 107 -25.67 15.04 2.89
N ASP A 108 -24.36 15.18 3.00
CA ASP A 108 -23.41 14.13 2.61
C ASP A 108 -23.56 12.94 3.55
N ILE A 109 -23.57 11.74 2.98
CA ILE A 109 -23.38 10.50 3.75
C ILE A 109 -22.08 9.84 3.31
N ASN A 110 -21.57 8.93 4.13
CA ASN A 110 -20.31 8.30 3.86
C ASN A 110 -20.50 7.10 2.94
N ASP A 111 -20.75 7.41 1.66
CA ASP A 111 -21.04 6.38 0.64
C ASP A 111 -19.89 6.13 -0.35
N ASN A 112 -18.73 6.73 -0.13
CA ASN A 112 -17.57 6.45 -0.97
C ASN A 112 -16.41 5.91 -0.11
N ASN A 113 -15.77 4.87 -0.60
CA ASN A 113 -14.59 4.31 0.06
C ASN A 113 -13.37 5.10 -0.37
N PRO A 114 -12.33 5.13 0.48
CA PRO A 114 -11.03 5.56 -0.05
C PRO A 114 -10.55 4.56 -1.08
N ILE A 115 -10.02 5.07 -2.17
CA ILE A 115 -9.61 4.25 -3.33
C ILE A 115 -8.16 4.59 -3.63
N PHE A 116 -7.29 3.58 -3.62
CA PHE A 116 -5.87 3.82 -3.90
C PHE A 116 -5.61 4.26 -5.32
N ASP A 117 -4.64 5.14 -5.52
CA ASP A 117 -4.32 5.72 -6.82
CA ASP A 117 -4.43 5.64 -6.87
C ASP A 117 -3.63 4.69 -7.76
N GLN A 118 -3.07 3.61 -7.21
CA GLN A 118 -2.45 2.53 -8.02
C GLN A 118 -3.03 1.21 -7.59
N PRO A 119 -3.02 0.21 -8.49
CA PRO A 119 -3.50 -1.14 -8.14
C PRO A 119 -2.52 -1.90 -7.22
N SER A 120 -1.26 -1.46 -7.21
CA SER A 120 -0.25 -1.99 -6.33
CA SER A 120 -0.18 -2.11 -6.53
C SER A 120 0.94 -1.06 -6.37
N TYR A 121 1.84 -1.25 -5.41
CA TYR A 121 3.04 -0.41 -5.28
C TYR A 121 4.22 -1.32 -5.16
N GLN A 122 5.38 -0.87 -5.64
CA GLN A 122 6.60 -1.65 -5.51
C GLN A 122 7.83 -0.76 -5.55
N GLU A 123 8.79 -1.05 -4.67
CA GLU A 123 10.11 -0.44 -4.74
C GLU A 123 11.17 -1.45 -4.40
N ALA A 124 12.39 -1.19 -4.84
CA ALA A 124 13.55 -2.00 -4.49
C ALA A 124 14.49 -1.13 -3.72
N VAL A 125 15.04 -1.67 -2.64
CA VAL A 125 15.96 -0.93 -1.80
C VAL A 125 17.11 -1.83 -1.46
N PHE A 126 18.29 -1.25 -1.27
CA PHE A 126 19.44 -2.03 -0.81
C PHE A 126 19.29 -2.39 0.65
N GLU A 127 19.77 -3.57 1.01
CA GLU A 127 19.68 -4.07 2.37
C GLU A 127 20.35 -3.20 3.42
N ASP A 128 21.26 -2.32 2.99
CA ASP A 128 21.90 -1.40 3.93
C ASP A 128 21.20 -0.03 4.04
N ILE A 129 20.00 0.07 3.49
CA ILE A 129 19.21 1.31 3.58
C ILE A 129 19.07 1.76 5.05
N ALA A 130 19.22 3.05 5.28
CA ALA A 130 19.23 3.59 6.65
C ALA A 130 17.85 3.51 7.30
N VAL A 131 17.82 3.15 8.59
CA VAL A 131 16.58 3.21 9.38
C VAL A 131 16.02 4.62 9.29
N GLY A 132 14.71 4.71 9.13
CA GLY A 132 14.05 6.00 8.95
C GLY A 132 13.82 6.47 7.51
N THR A 133 14.46 5.81 6.53
CA THR A 133 14.39 6.25 5.18
C THR A 133 12.98 5.98 4.64
N VAL A 134 12.39 6.97 3.98
CA VAL A 134 11.12 6.76 3.32
C VAL A 134 11.38 6.02 2.02
N ILE A 135 10.63 4.96 1.81
CA ILE A 135 10.79 4.11 0.63
C ILE A 135 9.82 4.49 -0.49
N LEU A 136 8.56 4.69 -0.14
CA LEU A 136 7.54 5.12 -1.10
C LEU A 136 6.37 5.72 -0.36
N ARG A 137 5.51 6.39 -1.10
CA ARG A 137 4.30 6.96 -0.55
CA ARG A 137 4.29 6.98 -0.55
C ARG A 137 3.10 6.34 -1.27
N VAL A 138 2.14 5.83 -0.51
CA VAL A 138 0.88 5.38 -1.03
C VAL A 138 -0.15 6.49 -0.86
N THR A 139 -1.07 6.61 -1.82
CA THR A 139 -2.11 7.63 -1.75
C THR A 139 -3.44 7.00 -2.18
N ALA A 140 -4.45 7.22 -1.37
CA ALA A 140 -5.85 6.96 -1.70
C ALA A 140 -6.64 8.29 -1.75
N THR A 141 -7.78 8.31 -2.45
CA THR A 141 -8.63 9.48 -2.46
C THR A 141 -10.03 9.10 -2.07
N ASP A 142 -10.77 10.05 -1.54
CA ASP A 142 -12.13 9.76 -1.06
C ASP A 142 -13.07 10.89 -1.55
N ALA A 143 -14.10 10.49 -2.28
CA ALA A 143 -15.04 11.43 -2.91
C ALA A 143 -16.08 12.11 -2.02
N ASP A 144 -16.18 11.73 -0.74
CA ASP A 144 -17.08 12.39 0.19
C ASP A 144 -16.51 13.75 0.64
N SER A 145 -17.10 14.31 1.66
CA SER A 145 -16.72 15.60 2.21
C SER A 145 -16.48 15.51 3.73
N GLY A 146 -15.73 16.47 4.22
CA GLY A 146 -15.49 16.60 5.65
C GLY A 146 -14.88 15.33 6.20
N ASN A 147 -15.31 14.92 7.39
CA ASN A 147 -14.71 13.74 8.07
C ASN A 147 -14.84 12.45 7.26
N PHE A 148 -15.91 12.34 6.50
CA PHE A 148 -16.14 11.20 5.65
C PHE A 148 -15.12 11.01 4.54
N ALA A 149 -14.33 12.05 4.26
CA ALA A 149 -13.27 11.97 3.22
C ALA A 149 -11.85 12.10 3.80
N LEU A 150 -11.72 12.15 5.13
CA LEU A 150 -10.42 12.13 5.76
C LEU A 150 -9.97 10.69 5.85
N ILE A 151 -8.71 10.46 5.50
CA ILE A 151 -8.13 9.13 5.34
C ILE A 151 -7.02 8.87 6.37
N GLU A 152 -7.09 7.71 7.04
CA GLU A 152 -6.09 7.25 8.00
C GLU A 152 -5.42 6.01 7.36
N TYR A 153 -4.11 6.09 7.09
CA TYR A 153 -3.32 4.96 6.58
C TYR A 153 -2.78 4.08 7.68
N SER A 154 -2.73 2.79 7.42
CA SER A 154 -2.10 1.85 8.34
C SER A 154 -1.49 0.68 7.55
N LEU A 155 -0.66 -0.11 8.21
CA LEU A 155 -0.13 -1.35 7.63
C LEU A 155 -0.72 -2.44 8.47
N VAL A 156 -1.21 -3.49 7.83
CA VAL A 156 -1.76 -4.62 8.55
C VAL A 156 -0.67 -5.30 9.39
N ASP A 157 0.54 -5.42 8.84
CA ASP A 157 1.65 -6.01 9.60
C ASP A 157 2.98 -5.63 8.93
N GLY A 158 3.62 -4.62 9.49
CA GLY A 158 4.92 -4.18 9.04
C GLY A 158 6.06 -5.10 9.40
N GLU A 159 5.80 -6.14 10.23
CA GLU A 159 6.77 -7.16 10.64
C GLU A 159 7.89 -6.56 11.54
N GLY A 160 7.62 -5.37 12.08
CA GLY A 160 8.65 -4.62 12.79
C GLY A 160 9.74 -4.05 11.90
N LYS A 161 9.62 -4.20 10.56
CA LYS A 161 10.61 -3.73 9.63
C LYS A 161 10.23 -2.42 8.95
N PHE A 162 8.92 -2.20 8.76
CA PHE A 162 8.39 -1.02 8.09
C PHE A 162 7.24 -0.40 8.88
N ALA A 163 7.09 0.90 8.67
CA ALA A 163 6.03 1.66 9.29
C ALA A 163 5.48 2.65 8.29
N ILE A 164 4.22 3.01 8.49
CA ILE A 164 3.58 3.97 7.62
C ILE A 164 3.12 5.17 8.42
N ASN A 165 3.27 6.35 7.84
CA ASN A 165 2.73 7.55 8.46
C ASN A 165 1.22 7.61 8.18
N PRO A 166 0.40 7.64 9.24
CA PRO A 166 -1.04 7.62 9.02
C PRO A 166 -1.61 8.80 8.26
N ASN A 167 -0.89 9.91 8.18
CA ASN A 167 -1.36 11.07 7.40
C ASN A 167 -0.88 11.05 5.96
N THR A 168 0.43 10.87 5.77
CA THR A 168 1.03 11.02 4.44
C THR A 168 0.96 9.76 3.60
N GLY A 169 0.87 8.60 4.26
CA GLY A 169 1.08 7.34 3.55
C GLY A 169 2.53 7.00 3.20
N ASP A 170 3.50 7.72 3.76
CA ASP A 170 4.91 7.40 3.60
C ASP A 170 5.23 6.12 4.35
N ILE A 171 5.77 5.15 3.63
CA ILE A 171 6.25 3.89 4.21
C ILE A 171 7.76 4.00 4.40
N SER A 172 8.20 3.78 5.64
CA SER A 172 9.60 3.96 6.01
CA SER A 172 9.59 3.99 6.08
C SER A 172 10.21 2.70 6.62
N VAL A 173 11.53 2.66 6.62
CA VAL A 173 12.28 1.57 7.24
C VAL A 173 12.23 1.77 8.74
N LEU A 174 11.72 0.78 9.46
CA LEU A 174 11.58 0.87 10.93
C LEU A 174 12.75 0.20 11.67
N SER A 175 13.30 -0.85 11.08
CA SER A 175 14.53 -1.45 11.59
C SER A 175 15.33 -2.05 10.44
N SER A 176 16.60 -2.35 10.69
CA SER A 176 17.51 -2.65 9.58
C SER A 176 17.12 -3.95 8.84
N LEU A 177 17.33 -3.92 7.54
CA LEU A 177 17.03 -5.02 6.67
C LEU A 177 18.26 -5.92 6.53
N ASP A 178 18.01 -7.13 6.06
CA ASP A 178 19.04 -8.12 5.77
C ASP A 178 18.52 -9.01 4.68
N ARG A 179 19.04 -8.83 3.47
CA ARG A 179 18.60 -9.69 2.36
C ARG A 179 18.72 -11.19 2.66
N GLU A 180 19.77 -11.54 3.39
CA GLU A 180 20.03 -12.92 3.68
C GLU A 180 18.97 -13.56 4.62
N LYS A 181 18.32 -12.74 5.44
CA LYS A 181 17.23 -13.18 6.35
CA LYS A 181 17.24 -13.23 6.31
C LYS A 181 15.91 -13.22 5.55
N LYS A 182 15.64 -12.14 4.83
CA LYS A 182 14.39 -12.05 4.06
C LYS A 182 14.62 -11.10 2.89
N ASP A 183 14.38 -11.59 1.70
CA ASP A 183 14.81 -10.84 0.50
C ASP A 183 13.72 -9.98 -0.15
N HIS A 184 12.49 -10.09 0.32
CA HIS A 184 11.44 -9.18 -0.11
C HIS A 184 10.23 -9.33 0.81
N TYR A 185 9.38 -8.31 0.78
CA TYR A 185 8.18 -8.23 1.60
C TYR A 185 6.98 -7.91 0.71
N ILE A 186 5.83 -8.47 1.05
CA ILE A 186 4.58 -8.11 0.40
C ILE A 186 3.64 -7.66 1.53
N LEU A 187 3.48 -6.36 1.67
CA LEU A 187 2.78 -5.75 2.78
C LEU A 187 1.40 -5.28 2.34
N THR A 188 0.44 -5.33 3.25
CA THR A 188 -0.89 -4.79 3.00
C THR A 188 -1.00 -3.42 3.65
N ALA A 189 -1.24 -2.39 2.84
CA ALA A 189 -1.52 -1.04 3.31
C ALA A 189 -3.04 -0.81 3.27
N LEU A 190 -3.57 -0.18 4.32
CA LEU A 190 -5.02 0.05 4.45
C LEU A 190 -5.28 1.55 4.48
N ALA A 191 -6.33 1.99 3.79
CA ALA A 191 -6.82 3.36 3.87
C ALA A 191 -8.23 3.29 4.46
N LYS A 192 -8.48 4.00 5.56
CA LYS A 192 -9.77 3.93 6.26
C LYS A 192 -10.26 5.36 6.49
N ASP A 193 -11.48 5.65 6.06
CA ASP A 193 -11.99 7.00 6.15
C ASP A 193 -12.65 7.25 7.51
N ASN A 194 -13.22 8.45 7.69
CA ASN A 194 -14.10 8.80 8.79
C ASN A 194 -13.49 8.54 10.18
N PRO A 195 -12.28 9.09 10.42
CA PRO A 195 -11.58 8.79 11.66
C PRO A 195 -12.37 9.18 12.91
N GLY A 196 -12.23 8.36 13.94
CA GLY A 196 -12.87 8.58 15.21
C GLY A 196 -14.29 8.05 15.31
N ASP A 197 -14.94 7.72 14.19
CA ASP A 197 -16.34 7.27 14.24
C ASP A 197 -16.31 5.76 14.55
N VAL A 198 -17.48 5.18 14.82
CA VAL A 198 -17.56 3.73 15.05
C VAL A 198 -17.23 2.96 13.79
N ALA A 199 -16.71 1.75 13.98
CA ALA A 199 -16.20 0.91 12.89
C ALA A 199 -17.20 0.73 11.75
N SER A 200 -18.48 0.61 12.11
CA SER A 200 -19.56 0.42 11.14
C SER A 200 -19.85 1.59 10.18
N ASN A 201 -19.38 2.83 10.50
CA ASN A 201 -19.52 4.00 9.66
CA ASN A 201 -19.56 3.97 9.57
C ASN A 201 -18.22 4.37 8.96
N ARG A 202 -17.21 3.49 9.03
CA ARG A 202 -15.91 3.72 8.38
C ARG A 202 -15.76 2.77 7.21
N ARG A 203 -15.33 3.30 6.08
CA ARG A 203 -15.08 2.54 4.87
C ARG A 203 -13.58 2.47 4.62
N GLU A 204 -13.18 1.41 3.93
CA GLU A 204 -11.77 1.15 3.69
C GLU A 204 -11.52 0.46 2.37
N ASN A 205 -10.25 0.43 2.01
CA ASN A 205 -9.72 -0.43 0.97
C ASN A 205 -8.27 -0.71 1.29
N SER A 206 -7.79 -1.81 0.78
CA SER A 206 -6.37 -2.15 0.95
C SER A 206 -5.66 -2.25 -0.38
N VAL A 207 -4.35 -2.21 -0.33
CA VAL A 207 -3.50 -2.43 -1.48
C VAL A 207 -2.22 -3.19 -1.05
N GLN A 208 -1.61 -3.94 -1.99
CA GLN A 208 -0.36 -4.63 -1.68
C GLN A 208 0.84 -3.78 -2.09
N VAL A 209 1.83 -3.79 -1.23
CA VAL A 209 3.09 -3.06 -1.41
C VAL A 209 4.26 -4.04 -1.34
N VAL A 210 5.01 -4.17 -2.44
CA VAL A 210 6.16 -5.03 -2.53
C VAL A 210 7.42 -4.21 -2.27
N ILE A 211 8.27 -4.70 -1.38
CA ILE A 211 9.59 -4.11 -1.18
CA ILE A 211 9.58 -4.11 -1.15
C ILE A 211 10.60 -5.22 -1.43
N ARG A 212 11.36 -5.08 -2.50
CA ARG A 212 12.39 -6.07 -2.84
C ARG A 212 13.71 -5.56 -2.30
N VAL A 213 14.47 -6.45 -1.66
CA VAL A 213 15.68 -6.07 -0.94
C VAL A 213 16.85 -6.51 -1.78
N LEU A 214 17.63 -5.54 -2.22
CA LEU A 214 18.78 -5.78 -3.10
C LEU A 214 20.05 -6.09 -2.30
N ASP A 215 20.90 -6.94 -2.87
CA ASP A 215 22.08 -7.45 -2.17
C ASP A 215 23.18 -6.40 -2.07
N VAL A 216 23.83 -6.38 -0.93
CA VAL A 216 25.13 -5.75 -0.70
C VAL A 216 26.06 -6.90 -0.35
N ASN A 217 27.32 -6.79 -0.77
CA ASN A 217 28.27 -7.82 -0.43
C ASN A 217 28.67 -7.65 1.04
N ASP A 218 27.90 -8.18 1.98
CA ASP A 218 28.21 -8.01 3.40
C ASP A 218 28.54 -9.32 4.11
N CYS A 219 28.70 -10.40 3.37
CA CYS A 219 29.05 -11.69 3.95
C CYS A 219 30.38 -12.20 3.36
N ARG A 220 31.32 -12.48 4.25
CA ARG A 220 32.60 -13.00 3.82
C ARG A 220 32.48 -14.52 3.63
N PRO A 221 33.28 -15.07 2.70
CA PRO A 221 33.38 -16.52 2.54
C PRO A 221 33.81 -17.22 3.82
N GLN A 222 33.26 -18.40 4.08
CA GLN A 222 33.57 -19.18 5.29
C GLN A 222 33.87 -20.57 4.91
N PHE A 223 34.88 -21.13 5.57
CA PHE A 223 35.02 -22.59 5.65
C PHE A 223 34.36 -23.16 6.94
N SER A 224 34.07 -24.45 6.90
CA SER A 224 33.34 -25.12 7.99
C SER A 224 34.12 -25.25 9.29
N LYS A 225 35.45 -25.30 9.18
CA LYS A 225 36.31 -25.34 10.36
C LYS A 225 37.66 -24.71 10.05
N PRO A 226 38.43 -24.37 11.08
CA PRO A 226 39.68 -23.67 10.89
C PRO A 226 40.89 -24.53 10.50
N GLN A 227 40.77 -25.86 10.56
CA GLN A 227 41.92 -26.75 10.32
C GLN A 227 41.44 -28.04 9.67
N PHE A 228 41.93 -28.29 8.46
CA PHE A 228 41.70 -29.56 7.78
C PHE A 228 43.05 -30.26 7.77
N SER A 229 43.01 -31.58 7.70
CA SER A 229 44.24 -32.38 7.67
CA SER A 229 44.24 -32.40 7.68
C SER A 229 44.08 -33.52 6.67
N THR A 230 45.14 -33.77 5.89
CA THR A 230 45.12 -34.87 4.94
C THR A 230 46.52 -35.44 4.75
N SER A 231 46.58 -36.55 4.02
CA SER A 231 47.85 -37.24 3.78
C SER A 231 48.00 -37.52 2.32
N VAL A 232 49.23 -37.46 1.86
CA VAL A 232 49.57 -37.80 0.50
C VAL A 232 50.67 -38.86 0.58
N TYR A 233 50.60 -39.88 -0.26
CA TYR A 233 51.72 -40.83 -0.37
C TYR A 233 52.98 -40.16 -0.90
N GLU A 234 54.14 -40.53 -0.36
CA GLU A 234 55.44 -40.16 -0.92
C GLU A 234 55.51 -40.56 -2.41
N ASN A 235 56.28 -39.81 -3.21
CA ASN A 235 56.67 -40.20 -4.58
C ASN A 235 55.52 -40.36 -5.56
N GLU A 236 54.41 -39.66 -5.31
CA GLU A 236 53.31 -39.61 -6.28
C GLU A 236 53.61 -38.51 -7.29
N PRO A 237 53.15 -38.67 -8.53
CA PRO A 237 53.43 -37.66 -9.56
C PRO A 237 52.79 -36.31 -9.28
N ALA A 238 53.32 -35.25 -9.90
CA ALA A 238 52.62 -33.96 -9.94
C ALA A 238 51.22 -34.20 -10.50
N GLY A 239 50.27 -33.43 -10.00
CA GLY A 239 48.89 -33.54 -10.42
C GLY A 239 48.06 -34.48 -9.56
N THR A 240 48.65 -35.06 -8.52
CA THR A 240 47.93 -36.00 -7.66
C THR A 240 46.90 -35.21 -6.83
N SER A 241 45.66 -35.67 -6.82
CA SER A 241 44.62 -35.04 -5.99
C SER A 241 44.89 -35.19 -4.51
N VAL A 242 44.68 -34.12 -3.75
CA VAL A 242 44.95 -34.10 -2.31
C VAL A 242 43.63 -34.02 -1.54
N ILE A 243 42.83 -33.01 -1.86
CA ILE A 243 41.60 -32.74 -1.14
C ILE A 243 40.84 -31.70 -1.98
N THR A 244 39.52 -31.70 -1.86
CA THR A 244 38.70 -30.61 -2.41
C THR A 244 38.19 -29.70 -1.31
N MET A 245 38.51 -28.42 -1.45
CA MET A 245 38.18 -27.41 -0.45
C MET A 245 36.88 -26.75 -0.88
N LEU A 246 36.04 -26.43 0.10
CA LEU A 246 34.73 -25.84 -0.19
C LEU A 246 34.40 -24.77 0.86
N ALA A 247 34.23 -23.55 0.39
CA ALA A 247 33.74 -22.45 1.23
C ALA A 247 32.32 -22.10 0.81
N THR A 248 31.61 -21.41 1.72
CA THR A 248 30.27 -20.89 1.47
C THR A 248 30.25 -19.39 1.63
N ASP A 249 29.26 -18.75 1.01
CA ASP A 249 29.10 -17.32 1.05
C ASP A 249 27.62 -17.02 0.86
N GLN A 250 27.04 -16.31 1.82
CA GLN A 250 25.59 -16.14 1.91
C GLN A 250 25.00 -15.09 0.97
N ASP A 251 25.84 -14.29 0.34
CA ASP A 251 25.41 -13.24 -0.60
C ASP A 251 24.86 -13.82 -1.92
N GLU A 252 24.49 -12.92 -2.83
CA GLU A 252 23.85 -13.26 -4.07
C GLU A 252 24.79 -13.01 -5.26
N GLY A 253 24.66 -13.85 -6.28
CA GLY A 253 25.32 -13.59 -7.58
C GLY A 253 26.83 -13.50 -7.43
N SER A 254 27.44 -12.52 -8.11
CA SER A 254 28.89 -12.36 -8.05
CA SER A 254 28.89 -12.31 -8.04
C SER A 254 29.40 -12.15 -6.60
N ASN A 255 28.54 -11.62 -5.71
CA ASN A 255 28.91 -11.40 -4.31
C ASN A 255 29.16 -12.70 -3.51
N SER A 256 28.70 -13.82 -4.05
CA SER A 256 28.95 -15.14 -3.48
C SER A 256 29.59 -16.11 -4.46
N GLN A 257 30.13 -15.61 -5.56
CA GLN A 257 30.92 -16.43 -6.48
C GLN A 257 32.36 -16.49 -5.99
N LEU A 258 32.87 -17.69 -5.72
CA LEU A 258 34.12 -17.83 -4.97
C LEU A 258 35.25 -18.33 -5.84
N THR A 259 36.44 -17.80 -5.59
CA THR A 259 37.63 -18.30 -6.22
C THR A 259 38.62 -18.68 -5.13
N TYR A 260 39.30 -19.81 -5.32
CA TYR A 260 40.25 -20.35 -4.33
C TYR A 260 41.70 -20.07 -4.69
N SER A 261 42.52 -19.85 -3.68
CA SER A 261 43.94 -19.68 -3.87
C SER A 261 44.63 -20.28 -2.65
N LEU A 262 45.93 -20.50 -2.78
CA LEU A 262 46.79 -20.91 -1.67
C LEU A 262 47.78 -19.82 -1.28
N GLU A 263 48.13 -19.81 -0.01
CA GLU A 263 49.10 -18.86 0.57
C GLU A 263 50.04 -19.56 1.52
N GLY A 264 51.19 -18.92 1.75
CA GLY A 264 52.13 -19.37 2.78
C GLY A 264 53.16 -20.39 2.31
N PRO A 265 53.99 -20.89 3.24
CA PRO A 265 55.23 -21.65 2.98
C PRO A 265 55.13 -22.93 2.15
N GLY A 266 53.94 -23.42 1.88
CA GLY A 266 53.85 -24.56 0.98
C GLY A 266 53.17 -24.29 -0.34
N MET A 267 52.86 -23.03 -0.65
CA MET A 267 52.09 -22.84 -1.84
C MET A 267 52.82 -23.47 -3.04
N GLU A 268 54.14 -23.26 -3.18
CA GLU A 268 54.90 -23.75 -4.36
C GLU A 268 54.85 -25.28 -4.67
N ALA A 269 54.58 -26.10 -3.65
CA ALA A 269 54.47 -27.54 -3.83
C ALA A 269 53.06 -28.03 -4.21
N PHE A 270 52.07 -27.15 -4.13
CA PHE A 270 50.68 -27.52 -4.43
C PHE A 270 50.02 -26.47 -5.31
N SER A 271 48.85 -26.85 -5.85
CA SER A 271 48.02 -25.94 -6.63
CA SER A 271 48.04 -25.93 -6.63
C SER A 271 46.59 -26.17 -6.26
N VAL A 272 45.79 -25.11 -6.33
CA VAL A 272 44.35 -25.27 -6.17
C VAL A 272 43.66 -24.73 -7.41
N ASP A 273 42.70 -25.49 -7.93
CA ASP A 273 41.91 -25.04 -9.08
C ASP A 273 41.08 -23.89 -8.56
N MET A 274 41.20 -22.74 -9.21
CA MET A 274 40.54 -21.56 -8.67
C MET A 274 39.01 -21.67 -8.59
N ASP A 275 38.38 -22.47 -9.46
CA ASP A 275 36.92 -22.62 -9.42
C ASP A 275 36.43 -23.84 -8.65
N SER A 276 37.08 -24.98 -8.83
CA SER A 276 36.58 -26.23 -8.25
C SER A 276 37.02 -26.45 -6.80
N GLY A 277 38.08 -25.79 -6.37
CA GLY A 277 38.62 -26.03 -5.04
C GLY A 277 39.47 -27.28 -4.91
N LEU A 278 39.74 -27.95 -6.02
CA LEU A 278 40.57 -29.16 -5.95
C LEU A 278 42.03 -28.78 -5.75
N VAL A 279 42.63 -29.30 -4.68
CA VAL A 279 44.05 -29.14 -4.41
C VAL A 279 44.81 -30.36 -5.00
N THR A 280 45.87 -30.08 -5.77
CA THR A 280 46.77 -31.08 -6.30
C THR A 280 48.20 -30.78 -5.95
N THR A 281 49.06 -31.80 -6.05
CA THR A 281 50.49 -31.62 -5.83
C THR A 281 51.09 -31.01 -7.09
N GLN A 282 52.18 -30.24 -6.93
CA GLN A 282 52.95 -29.72 -8.09
CA GLN A 282 52.95 -29.73 -8.08
C GLN A 282 54.20 -30.58 -8.33
N ARG A 283 54.48 -31.51 -7.44
CA ARG A 283 55.68 -32.35 -7.54
C ARG A 283 55.54 -33.56 -6.62
N PRO A 284 56.39 -34.58 -6.82
CA PRO A 284 56.47 -35.62 -5.79
C PRO A 284 56.92 -35.05 -4.45
N LEU A 285 56.39 -35.64 -3.36
CA LEU A 285 56.79 -35.26 -2.03
C LEU A 285 57.57 -36.40 -1.42
N GLN A 286 58.54 -36.06 -0.57
CA GLN A 286 59.29 -37.03 0.19
C GLN A 286 58.74 -37.12 1.63
N SER A 287 58.99 -38.27 2.26
CA SER A 287 58.25 -38.64 3.46
C SER A 287 58.47 -37.72 4.64
N TYR A 288 59.59 -37.01 4.69
CA TYR A 288 59.87 -36.06 5.76
C TYR A 288 59.01 -34.78 5.68
N GLU A 289 58.41 -34.51 4.51
CA GLU A 289 57.78 -33.20 4.25
C GLU A 289 56.44 -33.04 4.99
N ARG A 290 56.21 -31.84 5.51
CA ARG A 290 54.96 -31.49 6.20
C ARG A 290 54.63 -30.04 5.86
N PHE A 291 53.37 -29.79 5.55
CA PHE A 291 52.96 -28.48 5.10
C PHE A 291 51.76 -28.05 5.94
N ASN A 292 51.74 -26.78 6.34
CA ASN A 292 50.47 -26.17 6.82
CA ASN A 292 50.56 -26.10 6.91
C ASN A 292 50.17 -25.01 5.90
N LEU A 293 49.28 -25.30 4.95
CA LEU A 293 48.92 -24.39 3.87
C LEU A 293 47.78 -23.51 4.34
N THR A 294 47.71 -22.31 3.77
CA THR A 294 46.58 -21.45 3.99
C THR A 294 45.75 -21.43 2.73
N VAL A 295 44.48 -21.83 2.85
CA VAL A 295 43.56 -21.90 1.70
C VAL A 295 42.67 -20.67 1.83
N VAL A 296 42.55 -19.92 0.74
CA VAL A 296 41.79 -18.67 0.74
C VAL A 296 40.64 -18.83 -0.24
N ALA A 297 39.44 -18.38 0.16
CA ALA A 297 38.29 -18.27 -0.73
C ALA A 297 37.95 -16.80 -0.81
N THR A 298 37.85 -16.26 -2.02
CA THR A 298 37.58 -14.83 -2.22
C THR A 298 36.31 -14.70 -3.07
N ASP A 299 35.39 -13.82 -2.66
CA ASP A 299 34.18 -13.62 -3.42
C ASP A 299 34.40 -12.63 -4.56
N GLY A 300 33.35 -12.43 -5.35
CA GLY A 300 33.39 -11.52 -6.49
C GLY A 300 32.85 -10.13 -6.24
N GLY A 301 32.77 -9.75 -4.97
CA GLY A 301 32.33 -8.40 -4.62
C GLY A 301 33.39 -7.36 -4.94
N GLU A 302 32.99 -6.10 -4.80
CA GLU A 302 33.85 -4.95 -5.06
C GLU A 302 33.84 -4.04 -3.82
N PRO A 303 34.91 -4.01 -3.01
CA PRO A 303 36.07 -4.89 -3.15
C PRO A 303 35.71 -6.27 -2.65
N PRO A 304 36.48 -7.27 -3.06
CA PRO A 304 36.11 -8.61 -2.61
C PRO A 304 36.37 -8.85 -1.13
N LEU A 305 35.64 -9.81 -0.56
CA LEU A 305 35.85 -10.31 0.79
C LEU A 305 36.48 -11.70 0.71
N TRP A 306 37.33 -11.99 1.67
CA TRP A 306 37.98 -13.31 1.79
C TRP A 306 37.70 -14.02 3.13
N GLY A 307 37.90 -15.35 3.10
CA GLY A 307 37.91 -16.18 4.27
C GLY A 307 39.01 -17.21 4.05
N THR A 308 39.56 -17.74 5.14
CA THR A 308 40.62 -18.73 5.06
C THR A 308 40.37 -19.93 5.96
N THR A 309 41.11 -20.97 5.68
CA THR A 309 41.28 -22.08 6.59
C THR A 309 42.67 -22.64 6.39
N MET A 310 43.10 -23.48 7.33
CA MET A 310 44.41 -24.10 7.24
CA MET A 310 44.41 -24.11 7.29
C MET A 310 44.27 -25.54 6.80
N LEU A 311 45.26 -26.03 6.05
CA LEU A 311 45.25 -27.39 5.51
C LEU A 311 46.61 -28.02 5.85
N LEU A 312 46.59 -28.99 6.76
CA LEU A 312 47.81 -29.72 7.12
C LEU A 312 47.95 -30.86 6.11
N VAL A 313 49.13 -30.97 5.49
CA VAL A 313 49.40 -32.10 4.60
C VAL A 313 50.62 -32.85 5.09
N GLU A 314 50.44 -34.12 5.44
CA GLU A 314 51.56 -34.98 5.83
CA GLU A 314 51.54 -34.99 5.83
C GLU A 314 51.82 -35.97 4.70
N VAL A 315 53.05 -36.46 4.63
CA VAL A 315 53.41 -37.36 3.55
C VAL A 315 53.63 -38.72 4.20
N ILE A 316 52.98 -39.74 3.67
CA ILE A 316 53.07 -41.07 4.31
C ILE A 316 53.87 -42.04 3.43
N ASP A 317 54.55 -42.95 4.13
CA ASP A 317 55.36 -43.98 3.50
C ASP A 317 54.38 -44.96 2.84
N VAL A 318 54.75 -45.54 1.71
CA VAL A 318 53.78 -46.24 0.85
C VAL A 318 52.88 -47.31 1.55
CL CL B . 2.45 13.08 11.42
CL CL C . 18.37 1.96 -1.11
CL CL D . 12.98 -10.38 -4.43
CA CA E . 30.19 -12.27 -0.16
CA CA F . 24.23 -9.54 1.27
CA CA G . 22.98 -8.97 4.96
CA CA H . -58.97 33.16 -3.16
CA CA I . -15.72 8.16 2.46
CA CA J . -21.18 11.17 0.02
CA CA K . -23.05 9.89 -3.13
N1 GSH L . 24.05 -8.35 11.79
CA1 GSH L . 24.47 -7.75 10.54
C1 GSH L . 23.34 -6.89 10.00
O11 GSH L . 22.26 -6.88 10.64
O12 GSH L . 23.54 -6.25 8.94
CB1 GSH L . 24.85 -8.82 9.50
CG1 GSH L . 23.66 -9.70 9.11
CD1 GSH L . 23.97 -10.53 7.89
OE1 GSH L . 24.08 -10.03 6.78
N2 GSH L . 24.09 -11.84 8.10
CA2 GSH L . 24.20 -12.82 7.03
C2 GSH L . 23.13 -13.85 7.13
O2 GSH L . 23.34 -14.97 6.68
CB2 GSH L . 25.59 -13.44 7.08
SG2 GSH L . 26.82 -12.16 6.75
N3 GSH L . 21.95 -13.46 7.63
CA3 GSH L . 20.79 -14.32 7.71
C3 GSH L . 20.35 -14.59 9.14
O31 GSH L . 19.42 -15.41 9.30
O32 GSH L . 20.90 -13.97 10.09
#